data_3Q8K
#
_entry.id   3Q8K
#
_cell.length_a   105.438
_cell.length_b   105.438
_cell.length_c   105.064
_cell.angle_alpha   90.00
_cell.angle_beta   90.00
_cell.angle_gamma   120.00
#
_symmetry.space_group_name_H-M   'P 31 2 1'
#
loop_
_entity.id
_entity.type
_entity.pdbx_description
1 polymer 'Flap endonuclease 1'
2 polymer "DNA (5'-D(*AP*CP*TP*CP*TP*GP*CP*CP*TP*CP*AP*AP*GP*AP*CP*GP*GP*T)-3')"
3 polymer "DNA (5'-D(P*TP*GP*AP*GP*GP*CP*AP*GP*AP*GP*T)-3')"
4 polymer "DNA (5'-D(*AP*CP*CP*GP*TP*CP*C)-3')"
5 non-polymer 'SAMARIUM (III) ION'
6 non-polymer 'POTASSIUM ION'
7 non-polymer 'HYDROXIDE ION'
8 water water
#
loop_
_entity_poly.entity_id
_entity_poly.type
_entity_poly.pdbx_seq_one_letter_code
_entity_poly.pdbx_strand_id
1 'polypeptide(L)'
;GIQGLAKLIADVAPSAIRENDIKSYFGRKVAIDASMSIYQFLIAVRQGGDVLQNEEGETTSHLMGMFYRTIRMMENGIKP
VYVFDGKPPQLKSGELAKRSERRAEAEKQLQQAQAAGAEQEVEKFTKRLVKVTKQHNDECKHLLSLMGIPYLDAPSEAEA
SCAALVKAGKVYAAATEDMDCLTFGSPVLMRHLTASEAKKLPIQEFHLSRILQELGLNQEQFVDLCILLGSDYCESIRGI
GPKRAVDLIQKHKSIEEIVRRLDPNKYPVPENWLHKEAHQLFLEPEVLDPESVELKWSEPNEEELIKFMCGEKQFSEERI
RSGVKRLSKSRQGSTLEVLFQ
;
A
2 'polydeoxyribonucleotide' (DA)(DC)(DT)(DC)(DT)(DG)(DC)(DC)(DT)(DC)(DA)(DA)(DG)(DA)(DC)(DG)(DG)(DT) D
3 'polydeoxyribonucleotide' (DT)(DG)(DA)(DG)(DG)(DC)(DA)(DG)(DA)(DG)(DT) E
4 'polydeoxyribonucleotide' (DA)(DC)(DC)(DG)(DT)(DC)(DC) F
#
# COMPACT_ATOMS: atom_id res chain seq x y z
N GLY A 1 -3.17 6.24 -6.18
CA GLY A 1 -2.89 5.47 -7.39
C GLY A 1 -2.61 6.33 -8.62
N ILE A 2 -2.20 5.68 -9.70
CA ILE A 2 -2.02 6.35 -10.99
C ILE A 2 -2.89 5.65 -12.02
N GLN A 3 -3.86 6.38 -12.56
CA GLN A 3 -4.87 5.79 -13.42
C GLN A 3 -4.28 5.01 -14.60
N GLY A 4 -4.49 3.69 -14.62
CA GLY A 4 -4.04 2.86 -15.72
C GLY A 4 -2.53 2.63 -15.86
N LEU A 5 -1.76 2.89 -14.81
CA LEU A 5 -0.31 2.74 -14.90
C LEU A 5 0.12 1.27 -14.97
N ALA A 6 -0.52 0.42 -14.16
CA ALA A 6 -0.16 -1.00 -14.12
C ALA A 6 -0.40 -1.67 -15.48
N LYS A 7 -1.53 -1.34 -16.09
CA LYS A 7 -1.88 -1.85 -17.41
C LYS A 7 -0.91 -1.32 -18.46
N LEU A 8 -0.61 -0.03 -18.38
CA LEU A 8 0.34 0.57 -19.30
C LEU A 8 1.71 -0.12 -19.27
N ILE A 9 2.18 -0.46 -18.08
CA ILE A 9 3.48 -1.11 -17.95
C ILE A 9 3.47 -2.52 -18.52
N ALA A 10 2.40 -3.26 -18.26
CA ALA A 10 2.23 -4.58 -18.83
C ALA A 10 2.21 -4.55 -20.35
N ASP A 11 1.68 -3.46 -20.92
CA ASP A 11 1.54 -3.34 -22.37
C ASP A 11 2.80 -2.84 -23.07
N VAL A 12 3.48 -1.88 -22.44
CA VAL A 12 4.56 -1.14 -23.08
C VAL A 12 5.94 -1.38 -22.45
N ALA A 13 5.95 -1.97 -21.26
CA ALA A 13 7.21 -2.27 -20.58
C ALA A 13 7.20 -3.58 -19.80
N PRO A 14 6.79 -4.68 -20.45
CA PRO A 14 6.61 -5.96 -19.77
C PRO A 14 7.86 -6.47 -19.05
N SER A 15 9.04 -6.09 -19.51
CA SER A 15 10.29 -6.58 -18.93
C SER A 15 10.56 -5.96 -17.56
N ALA A 16 9.83 -4.90 -17.23
CA ALA A 16 9.95 -4.28 -15.92
C ALA A 16 9.29 -5.15 -14.86
N ILE A 17 8.45 -6.07 -15.29
CA ILE A 17 7.76 -6.98 -14.38
C ILE A 17 8.43 -8.35 -14.31
N ARG A 18 8.88 -8.72 -13.12
CA ARG A 18 9.57 -9.99 -12.90
C ARG A 18 8.81 -10.82 -11.88
N GLU A 19 8.85 -12.14 -12.04
CA GLU A 19 8.21 -13.03 -11.08
C GLU A 19 9.19 -14.03 -10.49
N ASN A 20 9.16 -14.17 -9.17
CA ASN A 20 10.01 -15.12 -8.48
C ASN A 20 9.21 -15.93 -7.48
N ASP A 21 9.70 -17.12 -7.14
CA ASP A 21 9.02 -17.94 -6.15
C ASP A 21 9.33 -17.44 -4.75
N ILE A 22 8.38 -17.65 -3.84
CA ILE A 22 8.47 -17.09 -2.50
C ILE A 22 9.67 -17.66 -1.76
N LYS A 23 10.13 -18.82 -2.20
CA LYS A 23 11.27 -19.45 -1.53
C LYS A 23 12.55 -18.67 -1.80
N SER A 24 12.53 -17.79 -2.78
CA SER A 24 13.73 -17.03 -3.13
C SER A 24 13.91 -15.80 -2.25
N TYR A 25 12.91 -15.48 -1.43
CA TYR A 25 12.93 -14.25 -0.65
C TYR A 25 13.41 -14.42 0.78
N PHE A 26 13.79 -15.63 1.16
CA PHE A 26 14.27 -15.87 2.51
C PHE A 26 15.33 -14.84 2.87
N GLY A 27 15.16 -14.17 4.01
CA GLY A 27 16.10 -13.17 4.48
C GLY A 27 15.89 -11.75 4.00
N ARG A 28 14.96 -11.53 3.08
CA ARG A 28 14.72 -10.19 2.53
C ARG A 28 13.85 -9.30 3.43
N LYS A 29 14.12 -8.00 3.43
CA LYS A 29 13.31 -7.04 4.18
C LYS A 29 12.37 -6.29 3.23
N VAL A 30 11.15 -6.03 3.67
CA VAL A 30 10.22 -5.26 2.85
C VAL A 30 9.45 -4.23 3.68
N ALA A 31 9.12 -3.09 3.05
CA ALA A 31 8.29 -2.06 3.68
C ALA A 31 6.85 -2.24 3.22
N ILE A 32 5.92 -2.24 4.17
CA ILE A 32 4.51 -2.47 3.87
C ILE A 32 3.65 -1.27 4.24
N ASP A 33 2.80 -0.86 3.30
CA ASP A 33 1.79 0.16 3.51
C ASP A 33 0.71 -0.38 4.46
N ALA A 34 0.87 -0.12 5.75
CA ALA A 34 -0.02 -0.66 6.78
C ALA A 34 -1.48 -0.21 6.64
N SER A 35 -1.70 1.09 6.53
CA SER A 35 -3.05 1.64 6.43
C SER A 35 -3.82 0.95 5.31
N MET A 36 -3.11 0.66 4.22
CA MET A 36 -3.74 0.00 3.09
C MET A 36 -4.13 -1.45 3.37
N SER A 37 -3.25 -2.20 4.02
CA SER A 37 -3.58 -3.59 4.34
C SER A 37 -4.64 -3.72 5.44
N ILE A 38 -4.66 -2.82 6.41
CA ILE A 38 -5.75 -2.76 7.38
C ILE A 38 -7.08 -2.60 6.63
N TYR A 39 -7.09 -1.69 5.66
CA TYR A 39 -8.27 -1.43 4.86
C TYR A 39 -8.78 -2.68 4.18
N GLN A 40 -7.86 -3.44 3.59
CA GLN A 40 -8.21 -4.68 2.90
C GLN A 40 -8.86 -5.68 3.85
N PHE A 41 -8.30 -5.82 5.06
CA PHE A 41 -8.85 -6.75 6.04
C PHE A 41 -10.26 -6.33 6.50
N LEU A 42 -10.48 -5.03 6.72
CA LEU A 42 -11.78 -4.54 7.14
C LEU A 42 -12.84 -4.83 6.09
N ILE A 43 -12.44 -4.71 4.82
CA ILE A 43 -13.33 -4.96 3.70
C ILE A 43 -13.61 -6.44 3.46
N ALA A 44 -12.56 -7.26 3.48
CA ALA A 44 -12.72 -8.68 3.14
C ALA A 44 -13.08 -9.60 4.31
N VAL A 45 -12.47 -9.38 5.48
CA VAL A 45 -12.61 -10.29 6.62
C VAL A 45 -13.99 -10.18 7.26
N ARG A 46 -14.96 -10.86 6.68
CA ARG A 46 -16.34 -10.76 7.14
C ARG A 46 -17.04 -12.11 7.30
N GLN A 47 -18.00 -12.14 8.20
CA GLN A 47 -18.85 -13.31 8.39
C GLN A 47 -20.31 -12.85 8.45
N GLY A 48 -21.08 -13.24 7.44
CA GLY A 48 -22.45 -12.80 7.34
C GLY A 48 -22.52 -11.34 6.95
N GLY A 49 -21.51 -10.89 6.22
CA GLY A 49 -21.41 -9.50 5.82
C GLY A 49 -20.96 -8.57 6.94
N ASP A 50 -20.66 -9.15 8.10
CA ASP A 50 -20.24 -8.38 9.26
C ASP A 50 -18.78 -8.65 9.63
N VAL A 51 -18.06 -7.60 10.01
CA VAL A 51 -16.69 -7.76 10.47
C VAL A 51 -16.66 -8.68 11.69
N LEU A 52 -15.52 -9.33 11.90
CA LEU A 52 -15.30 -10.08 13.14
C LEU A 52 -15.20 -9.09 14.30
N GLN A 53 -15.67 -9.49 15.47
CA GLN A 53 -15.64 -8.60 16.61
C GLN A 53 -15.60 -9.42 17.89
N ASN A 54 -15.16 -8.82 18.99
CA ASN A 54 -15.30 -9.47 20.28
C ASN A 54 -16.73 -9.28 20.82
N GLU A 55 -17.03 -9.83 21.98
CA GLU A 55 -18.40 -9.76 22.50
C GLU A 55 -18.82 -8.33 22.85
N GLU A 56 -17.86 -7.48 23.19
CA GLU A 56 -18.19 -6.10 23.56
C GLU A 56 -18.31 -5.15 22.36
N GLY A 57 -18.47 -5.72 21.16
CA GLY A 57 -18.70 -4.91 19.96
C GLY A 57 -17.48 -4.32 19.22
N GLU A 58 -16.28 -4.64 19.69
CA GLU A 58 -15.06 -4.10 19.06
C GLU A 58 -14.59 -4.93 17.86
N THR A 59 -14.33 -4.27 16.74
CA THR A 59 -13.94 -4.94 15.50
C THR A 59 -12.58 -5.62 15.64
N THR A 60 -12.45 -6.85 15.15
CA THR A 60 -11.17 -7.55 15.21
C THR A 60 -10.69 -8.09 13.87
N SER A 61 -11.37 -7.72 12.79
CA SER A 61 -10.96 -8.18 11.47
C SER A 61 -9.52 -7.78 11.13
N HIS A 62 -9.15 -6.54 11.43
CA HIS A 62 -7.83 -6.03 11.08
C HIS A 62 -6.74 -6.71 11.89
N LEU A 63 -7.04 -7.05 13.13
CA LEU A 63 -6.07 -7.73 13.99
C LEU A 63 -5.88 -9.16 13.53
N MET A 64 -6.97 -9.74 13.04
CA MET A 64 -6.98 -11.10 12.55
C MET A 64 -5.99 -11.21 11.37
N GLY A 65 -6.15 -10.34 10.39
CA GLY A 65 -5.31 -10.36 9.21
C GLY A 65 -3.88 -10.01 9.52
N MET A 66 -3.67 -8.92 10.26
N MET A 66 -3.67 -8.93 10.28
CA MET A 66 -2.33 -8.48 10.58
CA MET A 66 -2.36 -8.44 10.62
C MET A 66 -1.53 -9.55 11.33
C MET A 66 -1.53 -9.46 11.41
N PHE A 67 -2.20 -10.21 12.28
CA PHE A 67 -1.54 -11.25 13.06
C PHE A 67 -1.08 -12.41 12.18
N TYR A 68 -2.01 -12.95 11.40
CA TYR A 68 -1.73 -14.19 10.68
C TYR A 68 -0.87 -14.00 9.44
N ARG A 69 -1.13 -12.94 8.68
CA ARG A 69 -0.35 -12.67 7.50
C ARG A 69 1.11 -12.40 7.84
N THR A 70 1.33 -11.53 8.83
CA THR A 70 2.68 -11.20 9.27
C THR A 70 3.46 -12.44 9.65
N ILE A 71 2.83 -13.35 10.39
CA ILE A 71 3.47 -14.61 10.74
C ILE A 71 3.81 -15.48 9.51
N ARG A 72 2.91 -15.53 8.54
N ARG A 72 2.91 -15.55 8.54
N ARG A 72 2.88 -15.53 8.57
CA ARG A 72 3.16 -16.32 7.34
CA ARG A 72 3.17 -16.32 7.33
CA ARG A 72 3.07 -16.23 7.30
C ARG A 72 4.26 -15.70 6.47
C ARG A 72 4.35 -15.72 6.57
C ARG A 72 4.33 -15.71 6.62
N MET A 73 4.45 -14.38 6.56
CA MET A 73 5.57 -13.74 5.91
C MET A 73 6.88 -14.12 6.60
N MET A 74 6.88 -14.05 7.93
CA MET A 74 8.07 -14.37 8.70
C MET A 74 8.44 -15.83 8.57
N GLU A 75 7.43 -16.69 8.33
CA GLU A 75 7.69 -18.10 8.15
C GLU A 75 8.45 -18.36 6.86
N ASN A 76 8.34 -17.43 5.93
CA ASN A 76 9.06 -17.50 4.68
C ASN A 76 10.38 -16.72 4.72
N GLY A 77 10.76 -16.28 5.92
CA GLY A 77 11.98 -15.51 6.10
C GLY A 77 11.87 -14.08 5.60
N ILE A 78 10.66 -13.65 5.30
CA ILE A 78 10.42 -12.26 4.88
C ILE A 78 10.15 -11.38 6.09
N LYS A 79 10.94 -10.32 6.21
CA LYS A 79 10.85 -9.44 7.36
C LYS A 79 10.22 -8.12 6.98
N PRO A 80 8.98 -7.90 7.46
CA PRO A 80 8.22 -6.70 7.12
C PRO A 80 8.45 -5.59 8.12
N VAL A 81 8.52 -4.36 7.63
CA VAL A 81 8.33 -3.20 8.48
C VAL A 81 7.07 -2.50 7.99
N TYR A 82 6.16 -2.22 8.91
CA TYR A 82 4.89 -1.61 8.56
C TYR A 82 4.98 -0.10 8.62
N VAL A 83 4.49 0.58 7.60
CA VAL A 83 4.55 2.03 7.55
C VAL A 83 3.14 2.61 7.50
N PHE A 84 2.86 3.56 8.39
CA PHE A 84 1.52 4.14 8.55
C PHE A 84 1.44 5.56 7.97
N ASP A 85 0.31 5.87 7.34
CA ASP A 85 0.09 7.17 6.71
C ASP A 85 0.09 8.29 7.77
N GLY A 86 0.57 9.47 7.39
CA GLY A 86 0.57 10.63 8.29
C GLY A 86 -0.48 11.65 7.86
N LYS A 87 -0.14 12.94 7.96
CA LYS A 87 -1.06 13.98 7.51
C LYS A 87 -0.94 14.20 6.01
N PRO A 88 -2.08 14.16 5.30
CA PRO A 88 -2.11 14.34 3.84
C PRO A 88 -1.66 15.74 3.42
N PRO A 89 -1.02 15.86 2.26
CA PRO A 89 -0.62 17.18 1.76
C PRO A 89 -1.82 17.99 1.28
N GLN A 90 -1.69 19.31 1.29
N GLN A 90 -1.68 19.31 1.29
CA GLN A 90 -2.76 20.20 0.85
CA GLN A 90 -2.75 20.21 0.84
C GLN A 90 -3.23 19.86 -0.56
C GLN A 90 -3.22 19.86 -0.56
N LEU A 91 -2.29 19.48 -1.43
CA LEU A 91 -2.61 19.15 -2.82
C LEU A 91 -3.70 18.10 -2.94
N LYS A 92 -3.80 17.25 -1.93
CA LYS A 92 -4.76 16.17 -1.94
C LYS A 92 -6.17 16.58 -1.46
N SER A 93 -6.32 17.84 -1.06
CA SER A 93 -7.60 18.33 -0.51
C SER A 93 -8.78 18.11 -1.44
N GLY A 94 -8.60 18.40 -2.72
CA GLY A 94 -9.64 18.19 -3.70
C GLY A 94 -10.13 16.74 -3.71
N GLU A 95 -9.19 15.81 -3.87
CA GLU A 95 -9.50 14.38 -3.92
C GLU A 95 -10.20 13.88 -2.65
N LEU A 96 -9.75 14.38 -1.50
CA LEU A 96 -10.35 14.01 -0.23
C LEU A 96 -11.80 14.51 -0.13
N ALA A 97 -12.05 15.72 -0.62
CA ALA A 97 -13.39 16.27 -0.61
C ALA A 97 -14.30 15.37 -1.44
N LYS A 98 -13.83 15.00 -2.64
CA LYS A 98 -14.56 14.06 -3.48
C LYS A 98 -14.92 12.79 -2.70
N ARG A 99 -13.95 12.25 -1.97
CA ARG A 99 -14.21 11.03 -1.20
C ARG A 99 -15.31 11.24 -0.17
N SER A 100 -15.25 12.35 0.56
CA SER A 100 -16.23 12.61 1.61
C SER A 100 -17.61 12.83 1.01
N GLU A 101 -17.64 13.39 -0.19
CA GLU A 101 -18.87 13.53 -0.96
C GLU A 101 -19.45 12.14 -1.22
N ARG A 102 -18.62 11.21 -1.70
CA ARG A 102 -19.07 9.85 -1.97
C ARG A 102 -19.53 9.13 -0.70
N ARG A 103 -18.87 9.43 0.41
CA ARG A 103 -19.27 8.84 1.68
C ARG A 103 -20.67 9.32 2.07
N ALA A 104 -20.98 10.58 1.79
CA ALA A 104 -22.28 11.14 2.13
C ALA A 104 -23.36 10.48 1.30
N GLU A 105 -23.07 10.26 0.02
CA GLU A 105 -24.00 9.55 -0.85
C GLU A 105 -24.20 8.12 -0.40
N ALA A 106 -23.11 7.45 -0.06
CA ALA A 106 -23.15 6.06 0.39
C ALA A 106 -23.95 5.90 1.67
N GLU A 107 -23.91 6.92 2.53
CA GLU A 107 -24.65 6.89 3.78
C GLU A 107 -26.16 6.91 3.53
N LYS A 108 -26.59 7.72 2.56
CA LYS A 108 -27.99 7.75 2.17
C LYS A 108 -28.41 6.39 1.64
N GLN A 109 -27.68 5.89 0.64
CA GLN A 109 -28.04 4.64 -0.02
C GLN A 109 -28.02 3.43 0.92
N LEU A 110 -27.18 3.47 1.95
CA LEU A 110 -27.18 2.41 2.95
C LEU A 110 -28.51 2.39 3.67
N GLN A 111 -28.99 3.56 4.05
CA GLN A 111 -30.22 3.70 4.82
C GLN A 111 -31.41 3.14 4.07
N GLN A 112 -31.53 3.47 2.79
CA GLN A 112 -32.66 3.04 1.98
C GLN A 112 -32.58 1.57 1.61
N ALA A 113 -31.37 1.01 1.57
CA ALA A 113 -31.21 -0.41 1.32
C ALA A 113 -31.63 -1.20 2.55
N GLN A 114 -31.65 -0.53 3.70
CA GLN A 114 -32.06 -1.14 4.96
C GLN A 114 -33.58 -1.12 5.11
N ALA A 115 -34.18 0.02 4.83
CA ALA A 115 -35.64 0.12 4.86
C ALA A 115 -36.24 -0.72 3.74
N ALA A 116 -35.38 -1.21 2.86
CA ALA A 116 -35.81 -2.08 1.77
C ALA A 116 -35.37 -3.52 2.04
N GLY A 117 -34.66 -3.71 3.14
CA GLY A 117 -34.22 -5.04 3.55
C GLY A 117 -33.14 -5.64 2.67
N ALA A 118 -32.91 -5.04 1.51
CA ALA A 118 -31.94 -5.56 0.55
C ALA A 118 -30.59 -5.86 1.22
N GLU A 119 -30.44 -7.09 1.70
CA GLU A 119 -29.28 -7.47 2.49
C GLU A 119 -27.98 -7.43 1.70
N GLN A 120 -28.05 -7.80 0.42
CA GLN A 120 -26.86 -7.80 -0.42
C GLN A 120 -26.49 -6.38 -0.85
N GLU A 121 -27.48 -5.51 -0.91
CA GLU A 121 -27.24 -4.09 -1.17
C GLU A 121 -26.60 -3.46 0.07
N VAL A 122 -27.18 -3.76 1.23
CA VAL A 122 -26.66 -3.29 2.50
C VAL A 122 -25.18 -3.63 2.65
N GLU A 123 -24.83 -4.87 2.32
CA GLU A 123 -23.45 -5.31 2.40
C GLU A 123 -22.54 -4.50 1.49
N LYS A 124 -23.05 -4.15 0.30
CA LYS A 124 -22.28 -3.35 -0.65
C LYS A 124 -21.99 -1.95 -0.12
N PHE A 125 -23.04 -1.28 0.34
CA PHE A 125 -22.90 0.08 0.87
C PHE A 125 -22.13 0.14 2.18
N THR A 126 -22.22 -0.91 3.00
CA THR A 126 -21.45 -1.01 4.22
C THR A 126 -19.96 -1.13 3.90
N LYS A 127 -19.64 -1.85 2.83
CA LYS A 127 -18.26 -1.96 2.36
C LYS A 127 -17.75 -0.62 1.86
N ARG A 128 -18.59 0.10 1.11
CA ARG A 128 -18.23 1.43 0.63
C ARG A 128 -17.97 2.40 1.78
N LEU A 129 -18.57 2.13 2.95
CA LEU A 129 -18.42 3.00 4.10
C LEU A 129 -17.26 2.60 5.01
N VAL A 130 -16.65 1.45 4.74
CA VAL A 130 -15.49 1.02 5.52
C VAL A 130 -14.47 2.14 5.53
N LYS A 131 -13.97 2.47 6.71
CA LYS A 131 -12.97 3.50 6.83
C LYS A 131 -11.98 3.15 7.92
N VAL A 132 -10.71 3.16 7.59
CA VAL A 132 -9.66 2.95 8.57
C VAL A 132 -9.61 4.16 9.49
N THR A 133 -9.76 3.93 10.80
CA THR A 133 -9.74 5.00 11.79
C THR A 133 -8.46 4.99 12.61
N LYS A 134 -8.31 5.98 13.48
CA LYS A 134 -7.14 6.09 14.32
C LYS A 134 -7.09 4.94 15.34
N GLN A 135 -8.25 4.47 15.77
CA GLN A 135 -8.31 3.35 16.69
C GLN A 135 -7.80 2.06 16.03
N HIS A 136 -8.17 1.85 14.78
CA HIS A 136 -7.67 0.72 14.02
C HIS A 136 -6.14 0.75 13.99
N ASN A 137 -5.57 1.91 13.67
CA ASN A 137 -4.12 2.05 13.57
C ASN A 137 -3.45 1.84 14.91
N ASP A 138 -4.05 2.36 15.98
CA ASP A 138 -3.49 2.22 17.31
C ASP A 138 -3.48 0.79 17.82
N GLU A 139 -4.50 0.03 17.44
CA GLU A 139 -4.59 -1.38 17.82
C GLU A 139 -3.56 -2.22 17.06
N CYS A 140 -3.41 -1.95 15.77
CA CYS A 140 -2.42 -2.67 14.96
C CYS A 140 -1.00 -2.40 15.44
N LYS A 141 -0.71 -1.13 15.68
CA LYS A 141 0.60 -0.73 16.24
C LYS A 141 0.86 -1.45 17.55
N HIS A 142 -0.15 -1.43 18.42
CA HIS A 142 -0.04 -2.12 19.70
C HIS A 142 0.31 -3.60 19.49
N LEU A 143 -0.43 -4.25 18.59
CA LEU A 143 -0.22 -5.66 18.26
C LEU A 143 1.18 -5.93 17.68
N LEU A 144 1.59 -5.11 16.73
CA LEU A 144 2.91 -5.26 16.11
C LEU A 144 4.02 -5.18 17.15
N SER A 145 3.90 -4.22 18.06
CA SER A 145 4.84 -4.11 19.18
C SER A 145 4.93 -5.41 19.97
N LEU A 146 3.77 -5.99 20.28
CA LEU A 146 3.74 -7.21 21.07
C LEU A 146 4.34 -8.38 20.28
N MET A 147 4.17 -8.33 18.96
CA MET A 147 4.70 -9.36 18.07
C MET A 147 6.21 -9.20 17.81
N GLY A 148 6.78 -8.08 18.23
CA GLY A 148 8.20 -7.82 17.98
C GLY A 148 8.49 -7.29 16.58
N ILE A 149 7.42 -6.94 15.85
CA ILE A 149 7.52 -6.45 14.47
C ILE A 149 7.60 -4.92 14.45
N PRO A 150 8.55 -4.36 13.70
CA PRO A 150 8.78 -2.91 13.65
C PRO A 150 7.75 -2.16 12.80
N TYR A 151 7.50 -0.91 13.17
CA TYR A 151 6.65 -0.06 12.36
C TYR A 151 7.15 1.37 12.43
N LEU A 152 6.74 2.18 11.46
CA LEU A 152 7.17 3.56 11.43
C LEU A 152 5.95 4.41 11.16
N ASP A 153 5.96 5.64 11.65
CA ASP A 153 4.97 6.63 11.24
C ASP A 153 5.56 7.57 10.20
N ALA A 154 4.96 7.60 9.02
CA ALA A 154 5.37 8.53 7.98
C ALA A 154 4.85 9.92 8.33
N PRO A 155 5.60 10.96 7.97
CA PRO A 155 5.12 12.33 8.23
C PRO A 155 3.93 12.66 7.35
N SER A 156 3.86 12.02 6.19
CA SER A 156 2.79 12.28 5.24
C SER A 156 2.32 10.98 4.58
N GLU A 157 2.47 10.87 3.27
CA GLU A 157 2.06 9.67 2.55
C GLU A 157 3.02 8.50 2.85
N ALA A 158 2.45 7.36 3.20
CA ALA A 158 3.25 6.20 3.57
C ALA A 158 4.01 5.62 2.38
N GLU A 159 3.43 5.71 1.19
N GLU A 159 3.42 5.70 1.19
CA GLU A 159 4.07 5.17 -0.01
CA GLU A 159 4.08 5.18 0.00
C GLU A 159 5.27 6.00 -0.45
C GLU A 159 5.37 5.93 -0.24
N ALA A 160 5.35 7.24 0.01
CA ALA A 160 6.52 8.08 -0.22
C ALA A 160 7.64 7.68 0.74
N SER A 161 7.28 7.36 1.97
CA SER A 161 8.26 6.94 2.96
C SER A 161 8.76 5.52 2.71
N CYS A 162 7.88 4.66 2.20
CA CYS A 162 8.29 3.34 1.76
C CYS A 162 9.33 3.43 0.63
N ALA A 163 9.06 4.29 -0.35
CA ALA A 163 10.00 4.52 -1.43
C ALA A 163 11.35 4.98 -0.90
N ALA A 164 11.31 5.90 0.05
CA ALA A 164 12.55 6.46 0.64
C ALA A 164 13.34 5.38 1.38
N LEU A 165 12.64 4.44 2.01
CA LEU A 165 13.29 3.33 2.68
C LEU A 165 14.01 2.40 1.69
N VAL A 166 13.42 2.23 0.50
CA VAL A 166 14.04 1.39 -0.51
C VAL A 166 15.26 2.09 -1.10
N LYS A 167 15.12 3.38 -1.41
CA LYS A 167 16.23 4.15 -1.97
C LYS A 167 17.45 4.13 -1.07
N ALA A 168 17.22 4.14 0.24
CA ALA A 168 18.31 4.18 1.20
C ALA A 168 18.89 2.79 1.47
N GLY A 169 18.36 1.76 0.81
CA GLY A 169 18.80 0.40 1.04
C GLY A 169 18.42 -0.21 2.39
N LYS A 170 17.43 0.36 3.06
CA LYS A 170 16.99 -0.15 4.38
C LYS A 170 16.05 -1.36 4.26
N VAL A 171 15.32 -1.43 3.16
CA VAL A 171 14.54 -2.61 2.81
C VAL A 171 14.79 -2.86 1.33
N TYR A 172 14.48 -4.08 0.87
CA TYR A 172 14.62 -4.44 -0.54
C TYR A 172 13.54 -3.88 -1.47
N ALA A 173 12.30 -3.81 -0.99
CA ALA A 173 11.21 -3.35 -1.84
C ALA A 173 10.05 -2.76 -1.03
N ALA A 174 9.23 -1.97 -1.69
CA ALA A 174 7.99 -1.50 -1.08
C ALA A 174 6.88 -2.45 -1.52
N ALA A 175 6.20 -3.04 -0.55
CA ALA A 175 5.14 -4.00 -0.84
C ALA A 175 3.78 -3.37 -0.68
N THR A 176 3.20 -2.95 -1.80
CA THR A 176 1.90 -2.28 -1.78
C THR A 176 1.20 -2.48 -3.12
N GLU A 177 -0.05 -2.05 -3.20
CA GLU A 177 -0.79 -2.14 -4.44
C GLU A 177 -0.89 -0.78 -5.10
N ASP A 178 -0.72 0.28 -4.31
CA ASP A 178 -0.74 1.63 -4.86
C ASP A 178 0.51 1.89 -5.71
N MET A 179 0.30 2.07 -7.02
CA MET A 179 1.39 2.25 -7.97
C MET A 179 2.08 3.61 -7.82
N ASP A 180 1.47 4.55 -7.11
CA ASP A 180 2.08 5.87 -7.00
C ASP A 180 3.37 5.80 -6.19
N CYS A 181 3.62 4.63 -5.62
CA CYS A 181 4.89 4.33 -4.97
C CYS A 181 6.07 4.43 -5.94
N LEU A 182 5.83 4.05 -7.19
CA LEU A 182 6.85 4.15 -8.24
C LEU A 182 7.05 5.60 -8.64
N THR A 183 5.94 6.34 -8.70
CA THR A 183 5.98 7.75 -9.01
C THR A 183 6.78 8.48 -7.93
N PHE A 184 6.72 7.98 -6.70
CA PHE A 184 7.54 8.53 -5.61
C PHE A 184 8.99 8.02 -5.67
N GLY A 185 9.32 7.22 -6.68
CA GLY A 185 10.71 6.87 -6.93
C GLY A 185 11.19 5.55 -6.33
N SER A 186 10.27 4.70 -5.89
CA SER A 186 10.65 3.42 -5.30
C SER A 186 11.33 2.53 -6.34
N PRO A 187 12.58 2.14 -6.10
CA PRO A 187 13.31 1.32 -7.09
C PRO A 187 12.63 -0.03 -7.35
N VAL A 188 11.97 -0.57 -6.33
CA VAL A 188 11.28 -1.85 -6.46
C VAL A 188 9.90 -1.81 -5.78
N LEU A 189 8.89 -2.31 -6.47
CA LEU A 189 7.55 -2.44 -5.93
C LEU A 189 7.15 -3.91 -6.03
N MET A 190 6.71 -4.49 -4.92
CA MET A 190 6.19 -5.86 -4.97
C MET A 190 4.69 -5.82 -4.86
N ARG A 191 4.01 -6.51 -5.77
CA ARG A 191 2.56 -6.64 -5.66
C ARG A 191 2.19 -8.08 -5.31
N HIS A 192 1.09 -8.24 -4.59
CA HIS A 192 0.57 -9.56 -4.25
C HIS A 192 1.47 -10.29 -3.26
N LEU A 193 2.03 -9.57 -2.31
CA LEU A 193 2.83 -10.21 -1.26
C LEU A 193 1.94 -10.48 -0.05
N THR A 194 1.44 -11.70 0.03
CA THR A 194 0.59 -12.11 1.13
C THR A 194 1.17 -13.34 1.78
N ALA A 195 2.05 -14.02 1.03
CA ALA A 195 2.64 -15.27 1.45
C ALA A 195 1.56 -16.26 1.87
N SER A 196 0.40 -16.18 1.23
CA SER A 196 -0.75 -16.99 1.60
C SER A 196 -0.53 -18.48 1.36
N GLU A 197 -1.04 -19.30 2.27
N GLU A 197 -1.05 -19.30 2.27
CA GLU A 197 -0.86 -20.75 2.22
CA GLU A 197 -0.91 -20.75 2.18
C GLU A 197 -1.42 -21.35 0.93
C GLU A 197 -1.91 -21.35 1.20
N ALA A 198 -2.55 -20.81 0.46
N ALA A 198 -2.45 -20.52 0.33
CA ALA A 198 -3.14 -21.26 -0.79
CA ALA A 198 -3.46 -20.97 -0.63
C ALA A 198 -2.49 -20.54 -1.97
C ALA A 198 -3.11 -20.58 -2.07
N LYS A 199 -1.19 -20.74 -2.13
N LYS A 199 -1.92 -20.02 -2.25
CA LYS A 199 -0.43 -20.04 -3.15
CA LYS A 199 -1.41 -19.69 -3.58
C LYS A 199 0.88 -20.77 -3.46
C LYS A 199 -2.20 -18.59 -4.29
N LYS A 200 1.18 -20.91 -4.75
N LYS A 200 -2.46 -18.81 -5.58
CA LYS A 200 2.37 -21.62 -5.19
CA LYS A 200 -3.09 -17.83 -6.46
C LYS A 200 3.64 -21.20 -4.42
C LYS A 200 -2.05 -16.83 -7.00
N LEU A 201 4.06 -19.94 -4.53
N LEU A 201 -2.50 -15.60 -7.28
CA LEU A 201 3.45 -18.93 -5.38
CA LEU A 201 -1.66 -14.55 -7.85
C LEU A 201 4.55 -17.94 -5.73
C LEU A 201 -0.16 -14.74 -7.63
N PRO A 202 4.49 -17.33 -6.93
N PRO A 202 0.61 -14.77 -8.73
CA PRO A 202 5.47 -16.34 -7.34
CA PRO A 202 2.07 -14.84 -8.66
C PRO A 202 5.11 -14.91 -6.95
C PRO A 202 2.62 -13.53 -8.10
N ILE A 203 6.10 -14.14 -6.50
N ILE A 203 3.72 -13.61 -7.36
CA ILE A 203 5.90 -12.72 -6.18
CA ILE A 203 4.40 -12.42 -6.86
C ILE A 203 6.13 -11.88 -7.43
C ILE A 203 5.04 -11.66 -8.00
N GLN A 204 5.44 -10.74 -7.50
N GLN A 204 4.72 -10.37 -8.10
CA GLN A 204 5.51 -9.85 -8.65
CA GLN A 204 5.28 -9.52 -9.14
C GLN A 204 6.30 -8.59 -8.30
C GLN A 204 6.15 -8.42 -8.56
N GLU A 205 7.39 -8.33 -9.04
CA GLU A 205 8.25 -7.17 -8.76
C GLU A 205 8.25 -6.21 -9.94
N PHE A 206 8.00 -4.94 -9.66
CA PHE A 206 8.18 -3.91 -10.66
C PHE A 206 9.52 -3.25 -10.38
N HIS A 207 10.36 -3.16 -11.41
CA HIS A 207 11.64 -2.48 -11.27
C HIS A 207 11.62 -1.18 -12.03
N LEU A 208 11.75 -0.09 -11.29
CA LEU A 208 11.64 1.23 -11.89
C LEU A 208 12.69 1.42 -12.98
N SER A 209 13.91 0.92 -12.78
CA SER A 209 14.98 1.15 -13.77
C SER A 209 14.60 0.49 -15.09
N ARG A 210 13.99 -0.68 -15.03
CA ARG A 210 13.46 -1.32 -16.23
C ARG A 210 12.32 -0.52 -16.87
N ILE A 211 11.43 0.03 -16.05
CA ILE A 211 10.38 0.88 -16.61
C ILE A 211 10.95 2.09 -17.36
N LEU A 212 11.90 2.79 -16.75
CA LEU A 212 12.48 3.98 -17.35
C LEU A 212 13.22 3.62 -18.64
N GLN A 213 13.85 2.45 -18.66
CA GLN A 213 14.59 2.00 -19.83
C GLN A 213 13.67 1.71 -20.99
N GLU A 214 12.61 0.94 -20.72
CA GLU A 214 11.63 0.58 -21.74
C GLU A 214 10.89 1.78 -22.36
N LEU A 215 10.51 2.75 -21.53
CA LEU A 215 9.78 3.91 -22.03
C LEU A 215 10.72 5.00 -22.55
N GLY A 216 12.01 4.86 -22.26
CA GLY A 216 13.00 5.84 -22.67
C GLY A 216 12.87 7.18 -21.94
N LEU A 217 12.57 7.13 -20.64
CA LEU A 217 12.36 8.35 -19.86
C LEU A 217 13.27 8.42 -18.64
N ASN A 218 13.58 9.62 -18.18
CA ASN A 218 14.18 9.78 -16.86
C ASN A 218 13.06 9.92 -15.81
N GLN A 219 13.43 10.08 -14.55
N GLN A 219 13.45 10.03 -14.55
CA GLN A 219 12.44 10.06 -13.47
CA GLN A 219 12.52 10.11 -13.44
C GLN A 219 11.51 11.28 -13.51
C GLN A 219 11.51 11.25 -13.64
N GLU A 220 12.04 12.45 -13.88
CA GLU A 220 11.24 13.66 -14.03
C GLU A 220 10.18 13.49 -15.12
N GLN A 221 10.55 12.87 -16.21
CA GLN A 221 9.64 12.66 -17.32
C GLN A 221 8.60 11.62 -16.97
N PHE A 222 9.00 10.61 -16.20
CA PHE A 222 8.10 9.55 -15.79
C PHE A 222 7.00 10.12 -14.89
N VAL A 223 7.38 11.03 -14.00
CA VAL A 223 6.43 11.66 -13.09
C VAL A 223 5.42 12.49 -13.88
N ASP A 224 5.90 13.20 -14.90
CA ASP A 224 5.02 13.97 -15.78
C ASP A 224 4.02 13.06 -16.51
N LEU A 225 4.50 11.91 -16.97
CA LEU A 225 3.62 10.90 -17.54
C LEU A 225 2.51 10.51 -16.57
N CYS A 226 2.88 10.27 -15.32
CA CYS A 226 1.92 9.81 -14.32
C CYS A 226 0.85 10.87 -14.04
N ILE A 227 1.30 12.12 -13.95
CA ILE A 227 0.40 13.24 -13.80
C ILE A 227 -0.60 13.28 -14.95
N LEU A 228 -0.11 13.00 -16.16
CA LEU A 228 -0.97 13.00 -17.33
C LEU A 228 -1.93 11.82 -17.33
N LEU A 229 -1.50 10.71 -16.73
CA LEU A 229 -2.37 9.54 -16.61
C LEU A 229 -3.49 9.83 -15.61
N GLY A 230 -3.17 10.57 -14.57
CA GLY A 230 -4.16 10.94 -13.57
C GLY A 230 -3.77 10.50 -12.17
N SER A 231 -3.42 11.47 -11.33
CA SER A 231 -3.04 11.18 -9.96
C SER A 231 -4.09 11.79 -9.02
N ASP A 232 -3.81 11.73 -7.72
CA ASP A 232 -4.70 12.31 -6.71
C ASP A 232 -4.48 13.81 -6.50
N TYR A 233 -3.41 14.35 -7.08
CA TYR A 233 -2.96 15.68 -6.68
C TYR A 233 -3.29 16.84 -7.63
N CYS A 234 -3.74 16.52 -8.83
CA CYS A 234 -4.14 17.53 -9.79
C CYS A 234 -4.87 16.86 -10.93
N GLU A 235 -5.45 17.66 -11.81
CA GLU A 235 -6.19 17.15 -12.95
C GLU A 235 -5.26 16.78 -14.09
N SER A 236 -5.77 16.00 -15.03
CA SER A 236 -5.05 15.70 -16.26
C SER A 236 -5.74 16.45 -17.39
N ILE A 237 -5.24 16.27 -18.61
CA ILE A 237 -5.84 16.92 -19.76
C ILE A 237 -6.92 16.04 -20.37
N ARG A 238 -8.12 16.58 -20.50
CA ARG A 238 -9.22 15.84 -21.11
C ARG A 238 -8.88 15.52 -22.56
N GLY A 239 -9.13 14.29 -22.96
CA GLY A 239 -8.83 13.86 -24.32
C GLY A 239 -7.47 13.21 -24.44
N ILE A 240 -6.64 13.36 -23.41
CA ILE A 240 -5.31 12.77 -23.40
C ILE A 240 -5.25 11.56 -22.47
N GLY A 241 -5.27 10.37 -23.03
CA GLY A 241 -5.21 9.14 -22.25
C GLY A 241 -3.84 8.52 -22.24
N PRO A 242 -3.76 7.22 -21.88
CA PRO A 242 -2.47 6.53 -21.80
C PRO A 242 -1.68 6.54 -23.12
N LYS A 243 -2.39 6.40 -24.25
CA LYS A 243 -1.70 6.32 -25.54
C LYS A 243 -1.10 7.64 -26.00
N ARG A 244 -1.88 8.71 -25.96
N ARG A 244 -1.88 8.70 -25.94
CA ARG A 244 -1.38 10.00 -26.40
CA ARG A 244 -1.44 10.01 -26.39
C ARG A 244 -0.37 10.57 -25.40
C ARG A 244 -0.45 10.63 -25.39
N ALA A 245 -0.58 10.25 -24.12
CA ALA A 245 0.31 10.76 -23.07
C ALA A 245 1.75 10.24 -23.20
N VAL A 246 1.90 8.96 -23.50
CA VAL A 246 3.22 8.40 -23.71
C VAL A 246 3.91 9.06 -24.90
N ASP A 247 3.16 9.26 -25.97
CA ASP A 247 3.70 9.88 -27.17
C ASP A 247 4.09 11.35 -26.94
N LEU A 248 3.21 12.10 -26.28
CA LEU A 248 3.50 13.51 -26.00
C LEU A 248 4.75 13.68 -25.14
N ILE A 249 4.91 12.82 -24.14
CA ILE A 249 6.03 12.89 -23.22
C ILE A 249 7.34 12.45 -23.88
N GLN A 250 7.27 11.39 -24.67
CA GLN A 250 8.45 10.92 -25.39
C GLN A 250 8.90 11.95 -26.42
N LYS A 251 7.96 12.72 -26.95
CA LYS A 251 8.29 13.77 -27.92
C LYS A 251 8.69 15.10 -27.28
N HIS A 252 7.87 15.59 -26.35
CA HIS A 252 8.05 16.94 -25.80
C HIS A 252 8.81 16.98 -24.48
N LYS A 253 8.91 15.84 -23.81
CA LYS A 253 9.76 15.69 -22.63
C LYS A 253 9.20 16.29 -21.34
N SER A 254 8.27 17.22 -21.44
CA SER A 254 7.70 17.84 -20.25
C SER A 254 6.31 18.40 -20.50
N ILE A 255 5.51 18.48 -19.45
CA ILE A 255 4.17 19.07 -19.56
C ILE A 255 4.26 20.52 -20.00
N GLU A 256 5.26 21.24 -19.50
CA GLU A 256 5.50 22.62 -19.89
C GLU A 256 5.64 22.75 -21.41
N GLU A 257 6.48 21.91 -22.01
CA GLU A 257 6.65 21.92 -23.44
C GLU A 257 5.40 21.38 -24.14
N ILE A 258 4.76 20.39 -23.55
CA ILE A 258 3.53 19.85 -24.09
C ILE A 258 2.47 20.93 -24.23
N VAL A 259 2.34 21.78 -23.23
CA VAL A 259 1.31 22.82 -23.26
C VAL A 259 1.60 23.85 -24.35
N ARG A 260 2.86 24.25 -24.49
CA ARG A 260 3.24 25.21 -25.53
C ARG A 260 2.92 24.69 -26.93
N ARG A 261 3.08 23.38 -27.13
N ARG A 261 3.07 23.39 -27.13
CA ARG A 261 2.86 22.77 -28.43
CA ARG A 261 2.85 22.78 -28.45
C ARG A 261 1.39 22.45 -28.69
C ARG A 261 1.40 22.39 -28.70
N LEU A 262 0.65 22.14 -27.64
CA LEU A 262 -0.77 21.79 -27.80
C LEU A 262 -1.59 22.98 -28.29
N ASP A 263 -2.48 22.71 -29.24
CA ASP A 263 -3.41 23.71 -29.71
C ASP A 263 -4.50 23.95 -28.66
N PRO A 264 -4.54 25.18 -28.13
CA PRO A 264 -5.51 25.56 -27.09
C PRO A 264 -6.96 25.23 -27.45
N ASN A 265 -7.26 25.07 -28.73
CA ASN A 265 -8.62 24.75 -29.16
C ASN A 265 -8.92 23.25 -29.20
N LYS A 266 -7.95 22.47 -29.68
N LYS A 266 -7.94 22.49 -29.69
CA LYS A 266 -8.12 21.03 -29.78
CA LYS A 266 -8.08 21.03 -29.80
C LYS A 266 -7.96 20.34 -28.42
C LYS A 266 -7.95 20.36 -28.44
N TYR A 267 -6.93 20.73 -27.68
CA TYR A 267 -6.69 20.17 -26.35
C TYR A 267 -6.41 21.25 -25.31
N PRO A 268 -7.46 21.95 -24.87
CA PRO A 268 -7.25 22.94 -23.81
C PRO A 268 -6.84 22.26 -22.51
N VAL A 269 -5.91 22.86 -21.78
CA VAL A 269 -5.47 22.31 -20.50
C VAL A 269 -6.40 22.79 -19.38
N PRO A 270 -6.37 22.11 -18.22
CA PRO A 270 -7.18 22.56 -17.09
C PRO A 270 -6.80 23.99 -16.71
N GLU A 271 -7.79 24.78 -16.29
CA GLU A 271 -7.49 26.14 -15.86
C GLU A 271 -6.84 26.13 -14.48
N ASN A 272 -5.83 26.98 -14.30
CA ASN A 272 -5.04 26.99 -13.08
C ASN A 272 -4.54 25.59 -12.74
N TRP A 273 -3.92 24.96 -13.73
CA TRP A 273 -3.43 23.60 -13.60
C TRP A 273 -2.26 23.59 -12.62
N LEU A 274 -2.33 22.70 -11.62
CA LEU A 274 -1.29 22.60 -10.59
C LEU A 274 -0.26 21.48 -10.86
N HIS A 275 -0.04 21.15 -12.12
CA HIS A 275 0.88 20.07 -12.46
C HIS A 275 2.28 20.32 -11.91
N LYS A 276 2.68 21.59 -11.81
N LYS A 276 2.68 21.59 -11.82
CA LYS A 276 4.00 21.94 -11.30
CA LYS A 276 4.00 21.92 -11.30
C LYS A 276 4.13 21.61 -9.82
C LYS A 276 4.11 21.54 -9.83
N GLU A 277 3.06 21.83 -9.07
CA GLU A 277 3.05 21.55 -7.64
C GLU A 277 3.10 20.04 -7.38
N ALA A 278 2.33 19.30 -8.17
CA ALA A 278 2.28 17.86 -8.03
C ALA A 278 3.62 17.22 -8.41
N HIS A 279 4.22 17.72 -9.48
CA HIS A 279 5.52 17.28 -9.96
C HIS A 279 6.53 17.38 -8.83
N GLN A 280 6.57 18.55 -8.19
CA GLN A 280 7.42 18.81 -7.02
C GLN A 280 7.10 17.87 -5.85
N LEU A 281 5.83 17.52 -5.67
CA LEU A 281 5.42 16.64 -4.58
C LEU A 281 5.90 15.20 -4.80
N PHE A 282 5.75 14.71 -6.03
CA PHE A 282 6.19 13.36 -6.33
C PHE A 282 7.72 13.22 -6.23
N LEU A 283 8.45 14.26 -6.64
CA LEU A 283 9.92 14.19 -6.70
C LEU A 283 10.57 14.51 -5.36
N GLU A 284 9.98 15.45 -4.62
CA GLU A 284 10.50 15.86 -3.31
C GLU A 284 9.43 15.80 -2.21
N PRO A 285 8.88 14.59 -1.96
CA PRO A 285 7.83 14.44 -0.94
C PRO A 285 8.38 14.54 0.47
N GLU A 286 7.54 14.88 1.42
CA GLU A 286 7.93 14.84 2.82
C GLU A 286 7.97 13.38 3.27
N VAL A 287 9.12 12.94 3.78
CA VAL A 287 9.30 11.54 4.16
C VAL A 287 10.07 11.45 5.45
N LEU A 288 9.95 10.32 6.12
CA LEU A 288 10.73 10.05 7.32
C LEU A 288 12.21 9.96 6.95
N ASP A 289 13.08 10.17 7.94
CA ASP A 289 14.52 10.05 7.75
C ASP A 289 14.92 8.58 7.92
N PRO A 290 15.25 7.91 6.81
CA PRO A 290 15.56 6.47 6.81
C PRO A 290 16.81 6.09 7.63
N GLU A 291 17.62 7.07 8.02
CA GLU A 291 18.78 6.79 8.87
C GLU A 291 18.43 6.87 10.35
N SER A 292 17.29 7.49 10.65
CA SER A 292 16.88 7.75 12.04
C SER A 292 16.68 6.48 12.89
N VAL A 293 15.73 5.63 12.49
CA VAL A 293 15.40 4.44 13.25
C VAL A 293 16.08 3.20 12.68
N GLU A 294 16.69 2.39 13.55
CA GLU A 294 17.26 1.12 13.12
C GLU A 294 16.21 0.02 13.21
N LEU A 295 15.90 -0.59 12.07
CA LEU A 295 14.88 -1.63 12.02
C LEU A 295 15.35 -2.90 12.72
N LYS A 296 14.53 -3.40 13.64
CA LYS A 296 14.83 -4.68 14.27
C LYS A 296 13.58 -5.56 14.46
N TRP A 297 13.80 -6.86 14.38
CA TRP A 297 12.75 -7.84 14.56
C TRP A 297 13.01 -8.57 15.87
N SER A 298 12.18 -8.26 16.89
CA SER A 298 12.40 -8.73 18.25
C SER A 298 11.59 -9.96 18.62
N GLU A 299 11.95 -10.58 19.74
CA GLU A 299 11.22 -11.71 20.27
C GLU A 299 9.81 -11.27 20.65
N PRO A 300 8.81 -12.02 20.22
CA PRO A 300 7.39 -11.78 20.51
C PRO A 300 7.10 -11.95 22.00
N ASN A 301 6.36 -11.03 22.61
CA ASN A 301 5.93 -11.20 24.00
C ASN A 301 4.71 -12.10 24.07
N GLU A 302 4.94 -13.41 24.28
CA GLU A 302 3.88 -14.40 24.19
C GLU A 302 2.74 -14.21 25.19
N GLU A 303 3.06 -14.00 26.46
CA GLU A 303 2.03 -13.93 27.48
C GLU A 303 1.12 -12.71 27.32
N GLU A 304 1.71 -11.58 26.95
N GLU A 304 1.73 -11.57 26.97
CA GLU A 304 0.95 -10.37 26.73
CA GLU A 304 0.97 -10.35 26.77
C GLU A 304 0.09 -10.50 25.46
C GLU A 304 0.15 -10.42 25.49
N LEU A 305 0.65 -11.10 24.42
N LEU A 305 0.64 -11.15 24.51
CA LEU A 305 -0.12 -11.36 23.21
CA LEU A 305 -0.08 -11.34 23.26
C LEU A 305 -1.36 -12.17 23.53
C LEU A 305 -1.35 -12.17 23.53
N ILE A 306 -1.20 -13.21 24.34
CA ILE A 306 -2.33 -14.04 24.76
C ILE A 306 -3.37 -13.20 25.52
N LYS A 307 -2.93 -12.40 26.49
CA LYS A 307 -3.87 -11.55 27.23
C LYS A 307 -4.61 -10.59 26.31
N PHE A 308 -3.89 -10.02 25.36
CA PHE A 308 -4.51 -9.06 24.44
C PHE A 308 -5.46 -9.75 23.45
N MET A 309 -4.93 -10.69 22.66
CA MET A 309 -5.70 -11.28 21.58
C MET A 309 -6.79 -12.21 22.10
N CYS A 310 -6.47 -13.00 23.12
CA CYS A 310 -7.43 -13.97 23.64
C CYS A 310 -8.29 -13.36 24.75
N GLY A 311 -7.66 -12.95 25.85
CA GLY A 311 -8.38 -12.37 26.96
C GLY A 311 -9.28 -11.21 26.55
N GLU A 312 -8.73 -10.28 25.79
CA GLU A 312 -9.47 -9.07 25.40
C GLU A 312 -10.20 -9.20 24.06
N LYS A 313 -9.54 -9.75 23.05
CA LYS A 313 -10.16 -9.78 21.73
C LYS A 313 -10.86 -11.10 21.41
N GLN A 314 -10.73 -12.06 22.32
CA GLN A 314 -11.45 -13.33 22.24
C GLN A 314 -11.08 -14.21 21.06
N PHE A 315 -9.83 -14.13 20.63
CA PHE A 315 -9.26 -15.11 19.71
C PHE A 315 -9.05 -16.43 20.43
N SER A 316 -9.13 -17.53 19.69
CA SER A 316 -8.85 -18.86 20.24
C SER A 316 -7.45 -18.93 20.84
N GLU A 317 -7.35 -19.32 22.10
CA GLU A 317 -6.05 -19.40 22.77
C GLU A 317 -5.10 -20.37 22.08
N GLU A 318 -5.66 -21.44 21.52
CA GLU A 318 -4.86 -22.45 20.83
C GLU A 318 -4.21 -21.90 19.55
N ARG A 319 -5.01 -21.26 18.71
CA ARG A 319 -4.51 -20.68 17.47
C ARG A 319 -3.48 -19.57 17.72
N ILE A 320 -3.76 -18.71 18.70
CA ILE A 320 -2.85 -17.61 19.02
C ILE A 320 -1.51 -18.12 19.54
N ARG A 321 -1.56 -19.03 20.51
N ARG A 321 -1.58 -19.02 20.52
CA ARG A 321 -0.36 -19.58 21.11
CA ARG A 321 -0.38 -19.60 21.12
C ARG A 321 0.43 -20.35 20.06
C ARG A 321 0.42 -20.35 20.07
N SER A 322 -0.28 -21.00 19.14
CA SER A 322 0.38 -21.73 18.08
C SER A 322 1.05 -20.75 17.13
N GLY A 323 0.39 -19.61 16.91
CA GLY A 323 0.91 -18.57 16.04
C GLY A 323 2.19 -17.96 16.58
N VAL A 324 2.20 -17.70 17.88
CA VAL A 324 3.36 -17.11 18.55
C VAL A 324 4.58 -18.04 18.50
N LYS A 325 4.35 -19.33 18.75
CA LYS A 325 5.43 -20.31 18.65
C LYS A 325 6.05 -20.32 17.25
N ARG A 326 5.20 -20.32 16.23
CA ARG A 326 5.67 -20.29 14.83
C ARG A 326 6.46 -19.03 14.52
N LEU A 327 5.96 -17.90 15.02
CA LEU A 327 6.60 -16.62 14.78
C LEU A 327 7.98 -16.57 15.41
N SER A 328 8.05 -17.07 16.65
CA SER A 328 9.27 -17.04 17.43
C SER A 328 10.36 -17.92 16.79
N LYS A 329 9.98 -19.12 16.37
CA LYS A 329 10.92 -20.04 15.75
C LYS A 329 11.37 -19.56 14.38
N SER A 330 10.46 -18.91 13.64
CA SER A 330 10.80 -18.43 12.30
C SER A 330 11.75 -17.23 12.39
N ARG A 331 11.51 -16.36 13.37
CA ARG A 331 12.41 -15.25 13.62
C ARG A 331 13.81 -15.78 13.94
N GLN A 332 13.87 -16.81 14.77
CA GLN A 332 15.14 -17.38 15.19
C GLN A 332 15.91 -17.90 13.97
N GLY A 333 15.18 -18.35 12.96
CA GLY A 333 15.79 -18.95 11.78
C GLY A 333 16.32 -17.96 10.78
N SER A 334 15.80 -16.73 10.82
CA SER A 334 16.04 -15.74 9.79
C SER A 334 16.77 -14.50 10.32
N THR A 335 16.96 -14.45 11.63
CA THR A 335 17.46 -13.24 12.26
C THR A 335 18.61 -13.56 13.20
N LEU A 336 19.65 -12.74 13.14
CA LEU A 336 20.79 -12.89 14.05
C LEU A 336 20.58 -12.08 15.31
N GLU A 337 20.85 -12.68 16.46
CA GLU A 337 20.82 -11.94 17.72
C GLU A 337 21.83 -10.81 17.62
N VAL A 338 21.60 -9.74 18.36
CA VAL A 338 22.48 -8.58 18.34
C VAL A 338 23.86 -8.90 18.92
N LEU A 339 24.89 -8.32 18.34
CA LEU A 339 26.26 -8.56 18.81
C LEU A 339 26.91 -7.26 19.24
N PHE A 340 27.63 -7.30 20.36
CA PHE A 340 28.32 -6.13 20.84
C PHE A 340 29.84 -6.29 20.61
N GLN A 341 30.51 -5.19 20.26
CA GLN A 341 31.98 -5.20 20.07
C GLN A 341 32.69 -4.09 20.85
#